data_4XB4
#
_entry.id   4XB4
#
_cell.length_a   51.251
_cell.length_b   64.112
_cell.length_c   53.634
_cell.angle_alpha   90.00
_cell.angle_beta   114.89
_cell.angle_gamma   90.00
#
_symmetry.space_group_name_H-M   'P 1 21 1'
#
loop_
_entity.id
_entity.type
_entity.pdbx_description
1 polymer 'Orange carotenoid-binding protein'
2 non-polymer "beta,beta-carotene-4,4'-dione"
3 water water
#
_entity_poly.entity_id   1
_entity_poly.type   'polypeptide(L)'
_entity_poly.pdbx_seq_one_letter_code
;MVPATIARFSQLNAEDQLALIWFAYLEMGKTLTIAAPGAASMQLAENALKEIQAMGPLQQTQAMCDLANRADTPLCRTYA
SWSPNIKLGFWYRLGELMEQGFVAPIPAGYQLSANANAVLATIQGLESGQQITVLRNAVVDMGFTAHHHHHH
;
_entity_poly.pdbx_strand_id   A,B
#
# COMPACT_ATOMS: atom_id res chain seq x y z
N MET A 1 -24.34 -19.91 -4.98
CA MET A 1 -23.31 -20.62 -4.25
C MET A 1 -22.15 -19.72 -3.85
N VAL A 2 -22.02 -18.58 -4.50
CA VAL A 2 -20.89 -17.70 -4.21
C VAL A 2 -20.95 -17.20 -2.77
N PRO A 3 -22.06 -16.60 -2.33
CA PRO A 3 -22.09 -16.19 -0.92
C PRO A 3 -21.91 -17.34 0.08
N ALA A 4 -22.48 -18.50 -0.22
CA ALA A 4 -22.36 -19.65 0.67
C ALA A 4 -20.91 -20.11 0.76
N THR A 5 -20.20 -20.04 -0.35
CA THR A 5 -18.82 -20.52 -0.40
C THR A 5 -17.93 -19.54 0.36
N ILE A 6 -18.19 -18.25 0.19
CA ILE A 6 -17.46 -17.21 0.89
C ILE A 6 -17.67 -17.37 2.40
N ALA A 7 -18.92 -17.59 2.80
CA ALA A 7 -19.24 -17.79 4.20
C ALA A 7 -18.49 -18.97 4.79
N ARG A 8 -18.51 -20.11 4.10
CA ARG A 8 -17.85 -21.30 4.63
C ARG A 8 -16.36 -21.07 4.69
N PHE A 9 -15.79 -20.44 3.66
CA PHE A 9 -14.35 -20.16 3.68
C PHE A 9 -13.97 -19.38 4.94
N SER A 10 -14.79 -18.39 5.29
CA SER A 10 -14.54 -17.53 6.44
C SER A 10 -14.57 -18.30 7.77
N GLN A 11 -15.17 -19.49 7.78
CA GLN A 11 -15.22 -20.32 8.98
C GLN A 11 -14.03 -21.23 9.14
N LEU A 12 -13.32 -21.47 8.05
CA LEU A 12 -12.12 -22.30 8.11
C LEU A 12 -11.09 -21.62 8.99
N ASN A 13 -10.29 -22.43 9.68
CA ASN A 13 -9.23 -21.88 10.49
C ASN A 13 -8.16 -21.30 9.58
N ALA A 14 -7.22 -20.57 10.17
CA ALA A 14 -6.24 -19.82 9.39
C ALA A 14 -5.40 -20.75 8.51
N GLU A 15 -5.08 -21.92 9.05
CA GLU A 15 -4.30 -22.90 8.31
C GLU A 15 -5.07 -23.38 7.07
N ASP A 16 -6.33 -23.72 7.25
CA ASP A 16 -7.17 -24.17 6.15
C ASP A 16 -7.35 -23.08 5.09
N GLN A 17 -7.54 -21.83 5.53
CA GLN A 17 -7.70 -20.72 4.59
C GLN A 17 -6.46 -20.54 3.75
N LEU A 18 -5.31 -20.53 4.41
CA LEU A 18 -4.05 -20.29 3.73
C LEU A 18 -3.72 -21.45 2.79
N ALA A 19 -3.92 -22.68 3.24
CA ALA A 19 -3.71 -23.84 2.38
C ALA A 19 -4.64 -23.82 1.17
N LEU A 20 -5.90 -23.45 1.40
CA LEU A 20 -6.86 -23.45 0.29
C LEU A 20 -6.43 -22.47 -0.77
N ILE A 21 -6.00 -21.26 -0.41
CA ILE A 21 -5.71 -20.31 -1.48
C ILE A 21 -4.42 -20.72 -2.19
N TRP A 22 -3.51 -21.42 -1.51
CA TRP A 22 -2.33 -21.96 -2.18
C TRP A 22 -2.73 -22.94 -3.28
N PHE A 23 -3.60 -23.89 -2.95
CA PHE A 23 -3.97 -24.87 -3.95
C PHE A 23 -4.88 -24.26 -5.02
N ALA A 24 -5.64 -23.22 -4.66
CA ALA A 24 -6.40 -22.48 -5.66
C ALA A 24 -5.46 -21.81 -6.67
N TYR A 25 -4.40 -21.20 -6.15
CA TYR A 25 -3.36 -20.59 -6.98
C TYR A 25 -2.77 -21.60 -7.97
N LEU A 26 -2.41 -22.80 -7.49
CA LEU A 26 -1.76 -23.79 -8.36
C LEU A 26 -2.70 -24.24 -9.48
N GLU A 27 -4.00 -24.29 -9.19
CA GLU A 27 -4.97 -24.74 -10.18
C GLU A 27 -5.17 -23.73 -11.32
N MET A 28 -5.02 -22.44 -11.03
CA MET A 28 -5.16 -21.41 -12.06
C MET A 28 -4.26 -21.66 -13.27
N GLY A 29 -3.04 -22.12 -13.00
CA GLY A 29 -2.05 -22.34 -14.04
C GLY A 29 -2.49 -23.30 -15.13
N LYS A 30 -3.44 -24.18 -14.80
CA LYS A 30 -3.93 -25.16 -15.77
C LYS A 30 -4.84 -24.51 -16.81
N THR A 31 -5.42 -23.36 -16.47
CA THR A 31 -6.34 -22.67 -17.37
C THR A 31 -5.60 -22.13 -18.58
N SER A 41 2.04 -2.42 -11.89
CA SER A 41 0.71 -3.02 -11.82
C SER A 41 0.29 -3.28 -10.37
N MET A 42 1.25 -3.47 -9.49
CA MET A 42 0.97 -3.80 -8.10
C MET A 42 0.78 -2.56 -7.22
N GLN A 43 0.83 -1.39 -7.85
CA GLN A 43 0.62 -0.14 -7.14
C GLN A 43 1.49 -0.14 -5.88
N LEU A 44 0.97 0.28 -4.72
CA LEU A 44 1.86 0.47 -3.58
C LEU A 44 2.08 -0.81 -2.77
N ALA A 45 1.73 -1.96 -3.34
CA ALA A 45 2.03 -3.26 -2.69
C ALA A 45 3.37 -3.87 -3.08
N GLU A 46 3.99 -3.33 -4.13
CA GLU A 46 5.27 -3.85 -4.61
C GLU A 46 6.35 -3.82 -3.53
N ASN A 47 6.38 -2.75 -2.73
CA ASN A 47 7.39 -2.64 -1.70
C ASN A 47 7.25 -3.74 -0.65
N ALA A 48 6.01 -4.05 -0.29
CA ALA A 48 5.76 -5.09 0.71
C ALA A 48 6.26 -6.44 0.22
N LEU A 49 6.09 -6.70 -1.07
CA LEU A 49 6.60 -7.93 -1.65
C LEU A 49 8.13 -7.98 -1.53
N LYS A 50 8.77 -6.83 -1.76
CA LYS A 50 10.23 -6.77 -1.64
C LYS A 50 10.65 -6.98 -0.17
N GLU A 51 9.87 -6.44 0.77
CA GLU A 51 10.14 -6.67 2.18
C GLU A 51 10.07 -8.15 2.55
N ILE A 52 9.03 -8.84 2.07
CA ILE A 52 8.91 -10.26 2.35
C ILE A 52 10.05 -11.05 1.70
N GLN A 53 10.43 -10.71 0.48
CA GLN A 53 11.57 -11.35 -0.18
C GLN A 53 12.85 -11.19 0.62
N ALA A 54 12.97 -10.08 1.36
CA ALA A 54 14.18 -9.83 2.14
C ALA A 54 14.21 -10.56 3.47
N MET A 55 13.06 -11.05 3.94
CA MET A 55 12.99 -11.80 5.19
C MET A 55 13.57 -13.21 5.05
N GLY A 56 14.04 -13.78 6.16
CA GLY A 56 14.47 -15.16 6.17
C GLY A 56 13.26 -16.09 6.08
N PRO A 57 13.51 -17.38 5.79
CA PRO A 57 12.40 -18.31 5.54
C PRO A 57 11.39 -18.38 6.68
N LEU A 58 11.87 -18.49 7.92
CA LEU A 58 10.96 -18.58 9.06
C LEU A 58 10.08 -17.33 9.17
N GLN A 59 10.67 -16.17 8.96
CA GLN A 59 9.95 -14.92 9.04
C GLN A 59 8.98 -14.74 7.89
N GLN A 60 9.35 -15.25 6.71
CA GLN A 60 8.43 -15.21 5.56
C GLN A 60 7.17 -16.02 5.86
N THR A 61 7.36 -17.23 6.38
CA THR A 61 6.25 -18.08 6.73
C THR A 61 5.39 -17.41 7.80
N GLN A 62 6.04 -16.81 8.78
CA GLN A 62 5.33 -16.12 9.85
C GLN A 62 4.49 -14.97 9.30
N ALA A 63 5.04 -14.24 8.33
CA ALA A 63 4.33 -13.12 7.71
C ALA A 63 3.03 -13.58 7.07
N MET A 64 3.11 -14.67 6.31
CA MET A 64 1.93 -15.15 5.62
C MET A 64 0.91 -15.74 6.62
N CYS A 65 1.40 -16.44 7.63
CA CYS A 65 0.54 -16.92 8.71
CA CYS A 65 0.55 -16.92 8.72
C CYS A 65 -0.14 -15.75 9.44
N ASP A 66 0.62 -14.68 9.68
CA ASP A 66 0.10 -13.49 10.34
C ASP A 66 -1.07 -12.90 9.57
N LEU A 67 -0.95 -12.84 8.25
CA LEU A 67 -2.04 -12.31 7.42
C LEU A 67 -3.32 -13.15 7.55
N ALA A 68 -3.18 -14.46 7.47
CA ALA A 68 -4.34 -15.33 7.53
C ALA A 68 -4.93 -15.37 8.94
N ASN A 69 -4.09 -15.19 9.96
CA ASN A 69 -4.56 -15.15 11.34
C ASN A 69 -5.08 -13.80 11.77
N ARG A 70 -4.99 -12.82 10.87
CA ARG A 70 -5.41 -11.46 11.16
C ARG A 70 -4.70 -10.90 12.39
N ALA A 71 -3.42 -11.20 12.50
CA ALA A 71 -2.58 -10.69 13.59
C ALA A 71 -2.29 -9.21 13.45
N ASP A 72 -1.98 -8.57 14.57
CA ASP A 72 -1.55 -7.16 14.60
C ASP A 72 -0.06 -7.07 14.37
N THR A 73 0.32 -6.79 13.12
CA THR A 73 1.69 -6.54 12.76
C THR A 73 1.71 -5.40 11.75
N PRO A 74 2.89 -4.81 11.52
CA PRO A 74 2.97 -3.73 10.53
C PRO A 74 2.56 -4.20 9.13
N LEU A 75 2.99 -5.39 8.71
CA LEU A 75 2.60 -5.90 7.39
C LEU A 75 1.10 -6.06 7.30
N CYS A 76 0.48 -6.55 8.39
CA CYS A 76 -0.96 -6.79 8.39
C CYS A 76 -1.74 -5.48 8.30
N ARG A 77 -1.21 -4.43 8.91
CA ARG A 77 -1.86 -3.13 8.86
C ARG A 77 -1.71 -2.52 7.47
N THR A 78 -0.54 -2.70 6.89
CA THR A 78 -0.30 -2.25 5.51
C THR A 78 -1.23 -2.96 4.54
N TYR A 79 -1.24 -4.28 4.62
CA TYR A 79 -2.10 -5.09 3.78
C TYR A 79 -3.55 -4.63 3.81
N ALA A 80 -4.04 -4.37 5.01
CA ALA A 80 -5.44 -4.05 5.20
C ALA A 80 -5.85 -2.79 4.44
N SER A 81 -4.88 -1.91 4.19
CA SER A 81 -5.16 -0.61 3.57
C SER A 81 -5.33 -0.69 2.05
N TRP A 82 -5.00 -1.84 1.45
CA TRP A 82 -5.03 -1.99 0.00
C TRP A 82 -6.42 -2.28 -0.54
N SER A 83 -6.59 -2.08 -1.84
CA SER A 83 -7.84 -2.44 -2.49
C SER A 83 -7.97 -3.95 -2.64
N PRO A 84 -9.19 -4.42 -2.90
CA PRO A 84 -9.37 -5.88 -3.03
C PRO A 84 -8.55 -6.51 -4.14
N ASN A 85 -8.44 -5.85 -5.29
CA ASN A 85 -7.71 -6.42 -6.40
C ASN A 85 -6.20 -6.40 -6.17
N ILE A 86 -5.72 -5.41 -5.43
CA ILE A 86 -4.31 -5.36 -5.07
C ILE A 86 -3.97 -6.46 -4.05
N LYS A 87 -4.87 -6.71 -3.11
CA LYS A 87 -4.68 -7.84 -2.20
C LYS A 87 -4.56 -9.15 -3.00
N LEU A 88 -5.42 -9.34 -3.99
CA LEU A 88 -5.34 -10.54 -4.83
C LEU A 88 -4.03 -10.62 -5.60
N GLY A 89 -3.61 -9.51 -6.21
CA GLY A 89 -2.37 -9.47 -6.96
C GLY A 89 -1.17 -9.77 -6.08
N PHE A 90 -1.21 -9.28 -4.86
CA PHE A 90 -0.19 -9.52 -3.86
C PHE A 90 -0.03 -11.01 -3.60
N TRP A 91 -1.14 -11.69 -3.35
CA TRP A 91 -1.08 -13.12 -3.09
C TRP A 91 -0.59 -13.86 -4.32
N TYR A 92 -1.03 -13.41 -5.50
CA TYR A 92 -0.60 -14.08 -6.73
C TYR A 92 0.92 -14.00 -6.87
N ARG A 93 1.48 -12.82 -6.61
CA ARG A 93 2.93 -12.64 -6.70
CA ARG A 93 2.91 -12.63 -6.69
C ARG A 93 3.66 -13.46 -5.63
N LEU A 94 3.11 -13.56 -4.43
CA LEU A 94 3.72 -14.40 -3.40
C LEU A 94 3.75 -15.85 -3.86
N GLY A 95 2.66 -16.29 -4.49
CA GLY A 95 2.60 -17.65 -5.01
C GLY A 95 3.71 -17.89 -6.01
N GLU A 96 3.89 -16.95 -6.94
CA GLU A 96 4.95 -17.05 -7.95
C GLU A 96 6.30 -17.11 -7.27
N LEU A 97 6.50 -16.27 -6.27
CA LEU A 97 7.78 -16.22 -5.57
C LEU A 97 8.07 -17.52 -4.82
N MET A 98 7.04 -18.13 -4.25
CA MET A 98 7.19 -19.43 -3.62
C MET A 98 7.53 -20.49 -4.66
N GLU A 99 6.87 -20.47 -5.80
CA GLU A 99 7.18 -21.43 -6.85
C GLU A 99 8.62 -21.30 -7.33
N GLN A 100 9.13 -20.07 -7.31
CA GLN A 100 10.46 -19.77 -7.85
C GLN A 100 11.58 -19.95 -6.84
N GLY A 101 11.25 -20.11 -5.57
CA GLY A 101 12.25 -20.32 -4.54
C GLY A 101 12.71 -19.05 -3.83
N PHE A 102 12.06 -17.93 -4.07
CA PHE A 102 12.41 -16.67 -3.41
C PHE A 102 11.71 -16.51 -2.05
N VAL A 103 10.60 -17.21 -1.88
CA VAL A 103 9.83 -17.18 -0.64
C VAL A 103 9.60 -18.62 -0.18
N ALA A 104 9.63 -18.82 1.14
CA ALA A 104 9.59 -20.16 1.71
C ALA A 104 8.37 -20.93 1.25
N PRO A 105 8.54 -22.19 0.87
CA PRO A 105 7.42 -22.99 0.35
C PRO A 105 6.55 -23.57 1.47
N ILE A 106 5.41 -24.16 1.12
CA ILE A 106 4.57 -24.77 2.15
C ILE A 106 5.28 -26.03 2.64
N PRO A 107 4.86 -26.56 3.81
CA PRO A 107 5.53 -27.78 4.30
C PRO A 107 5.47 -28.93 3.29
N ALA A 108 6.61 -29.59 3.08
CA ALA A 108 6.68 -30.69 2.10
C ALA A 108 5.71 -31.83 2.43
N GLY A 109 4.99 -32.31 1.42
CA GLY A 109 4.05 -33.40 1.59
C GLY A 109 2.70 -33.02 2.16
N TYR A 110 2.48 -31.73 2.41
CA TYR A 110 1.27 -31.26 3.07
C TYR A 110 0.00 -31.67 2.31
N GLN A 111 -1.00 -32.14 3.06
CA GLN A 111 -2.28 -32.53 2.49
C GLN A 111 -3.40 -31.63 2.97
N LEU A 112 -4.16 -31.10 2.02
CA LEU A 112 -5.31 -30.26 2.32
C LEU A 112 -6.33 -31.04 3.15
N SER A 113 -6.84 -30.41 4.21
CA SER A 113 -7.85 -31.04 5.06
C SER A 113 -9.12 -31.33 4.27
N ALA A 114 -9.94 -32.24 4.77
CA ALA A 114 -11.22 -32.55 4.15
C ALA A 114 -12.11 -31.32 4.06
N ASN A 115 -12.13 -30.53 5.13
CA ASN A 115 -12.94 -29.32 5.15
C ASN A 115 -12.50 -28.33 4.09
N ALA A 116 -11.19 -28.10 3.98
CA ALA A 116 -10.69 -27.17 2.98
C ALA A 116 -10.91 -27.71 1.58
N ASN A 117 -10.75 -29.02 1.42
CA ASN A 117 -10.94 -29.64 0.12
C ASN A 117 -12.38 -29.51 -0.38
N ALA A 118 -13.34 -29.59 0.54
CA ALA A 118 -14.74 -29.43 0.17
C ALA A 118 -15.00 -28.06 -0.40
N VAL A 119 -14.40 -27.05 0.21
CA VAL A 119 -14.57 -25.70 -0.28
C VAL A 119 -13.87 -25.53 -1.62
N LEU A 120 -12.66 -26.07 -1.75
CA LEU A 120 -11.93 -25.95 -3.00
C LEU A 120 -12.68 -26.64 -4.14
N ALA A 121 -13.25 -27.82 -3.85
CA ALA A 121 -14.03 -28.54 -4.84
C ALA A 121 -15.23 -27.70 -5.30
N THR A 122 -15.88 -27.03 -4.36
CA THR A 122 -17.01 -26.18 -4.70
C THR A 122 -16.55 -25.05 -5.61
N ILE A 123 -15.45 -24.39 -5.25
CA ILE A 123 -14.90 -23.30 -6.05
C ILE A 123 -14.62 -23.78 -7.47
N GLN A 124 -14.02 -24.96 -7.62
CA GLN A 124 -13.61 -25.42 -8.93
C GLN A 124 -14.82 -25.73 -9.83
N GLY A 125 -15.98 -25.89 -9.23
CA GLY A 125 -17.21 -26.12 -9.96
C GLY A 125 -17.91 -24.85 -10.41
N LEU A 126 -17.43 -23.70 -9.94
CA LEU A 126 -18.02 -22.42 -10.30
C LEU A 126 -17.47 -21.90 -11.62
N GLU A 127 -18.18 -20.95 -12.20
CA GLU A 127 -17.69 -20.21 -13.37
C GLU A 127 -16.45 -19.43 -12.99
N SER A 128 -15.59 -19.13 -13.96
CA SER A 128 -14.33 -18.44 -13.68
CA SER A 128 -14.33 -18.44 -13.68
C SER A 128 -14.52 -17.11 -12.96
N GLY A 129 -15.47 -16.29 -13.41
CA GLY A 129 -15.73 -15.04 -12.73
C GLY A 129 -16.17 -15.23 -11.29
N GLN A 130 -17.02 -16.23 -11.05
CA GLN A 130 -17.46 -16.57 -9.71
C GLN A 130 -16.30 -17.03 -8.83
N GLN A 131 -15.41 -17.81 -9.41
CA GLN A 131 -14.22 -18.25 -8.68
C GLN A 131 -13.42 -17.06 -8.18
N ILE A 132 -13.22 -16.07 -9.06
CA ILE A 132 -12.43 -14.91 -8.68
C ILE A 132 -13.16 -14.09 -7.63
N THR A 133 -14.49 -14.00 -7.72
CA THR A 133 -15.26 -13.31 -6.70
C THR A 133 -15.06 -13.96 -5.34
N VAL A 134 -15.10 -15.30 -5.30
CA VAL A 134 -14.87 -16.00 -4.04
C VAL A 134 -13.47 -15.69 -3.53
N LEU A 135 -12.45 -15.79 -4.40
CA LEU A 135 -11.08 -15.61 -3.95
C LEU A 135 -10.83 -14.18 -3.50
N ARG A 136 -11.40 -13.22 -4.21
CA ARG A 136 -11.30 -11.80 -3.83
C ARG A 136 -11.86 -11.62 -2.42
N ASN A 137 -13.01 -12.21 -2.14
CA ASN A 137 -13.61 -12.05 -0.83
C ASN A 137 -12.91 -12.87 0.25
N ALA A 138 -12.25 -13.95 -0.17
CA ALA A 138 -11.48 -14.77 0.76
C ALA A 138 -10.33 -13.99 1.39
N VAL A 139 -9.67 -13.15 0.59
CA VAL A 139 -8.46 -12.48 1.08
C VAL A 139 -8.72 -11.04 1.53
N VAL A 140 -9.89 -10.49 1.24
CA VAL A 140 -10.10 -9.07 1.49
C VAL A 140 -10.03 -8.71 2.98
N ASP A 141 -10.45 -9.62 3.88
CA ASP A 141 -10.42 -9.31 5.31
C ASP A 141 -9.22 -9.92 6.06
N MET A 142 -8.20 -10.37 5.33
CA MET A 142 -6.97 -10.82 5.98
C MET A 142 -6.19 -9.59 6.44
N GLY A 143 -5.10 -9.80 7.16
CA GLY A 143 -4.39 -8.70 7.78
C GLY A 143 -5.15 -8.14 8.97
N PHE A 144 -4.88 -6.90 9.35
CA PHE A 144 -5.43 -6.36 10.59
C PHE A 144 -6.22 -5.08 10.44
N THR A 145 -7.42 -5.09 11.02
CA THR A 145 -8.21 -3.89 11.21
C THR A 145 -8.58 -3.79 12.70
N ALA A 146 -8.39 -2.61 13.28
CA ALA A 146 -8.67 -2.43 14.70
C ALA A 146 -10.17 -2.27 14.95
N MET B 1 -11.78 26.80 -10.40
CA MET B 1 -11.06 25.60 -10.81
C MET B 1 -10.52 24.80 -9.62
N VAL B 2 -10.38 25.43 -8.46
CA VAL B 2 -9.79 24.74 -7.30
C VAL B 2 -10.68 23.58 -6.84
N PRO B 3 -12.00 23.80 -6.73
CA PRO B 3 -12.83 22.67 -6.29
C PRO B 3 -12.80 21.49 -7.25
N ALA B 4 -12.84 21.76 -8.56
CA ALA B 4 -12.78 20.69 -9.54
C ALA B 4 -11.47 19.93 -9.44
N THR B 5 -10.39 20.66 -9.21
CA THR B 5 -9.06 20.06 -9.22
C THR B 5 -8.85 19.19 -7.98
N ILE B 6 -9.34 19.65 -6.83
CA ILE B 6 -9.25 18.87 -5.61
C ILE B 6 -10.08 17.58 -5.75
N ALA B 7 -11.26 17.71 -6.36
CA ALA B 7 -12.09 16.55 -6.62
C ALA B 7 -11.34 15.52 -7.48
N ARG B 8 -10.71 16.00 -8.54
CA ARG B 8 -9.98 15.11 -9.43
C ARG B 8 -8.82 14.43 -8.70
N PHE B 9 -8.11 15.17 -7.87
CA PHE B 9 -7.04 14.56 -7.11
C PHE B 9 -7.59 13.44 -6.21
N SER B 10 -8.73 13.69 -5.58
CA SER B 10 -9.31 12.73 -4.65
C SER B 10 -9.73 11.44 -5.35
N GLN B 11 -9.96 11.51 -6.67
CA GLN B 11 -10.37 10.35 -7.45
C GLN B 11 -9.20 9.50 -7.97
N LEU B 12 -7.99 10.01 -7.87
CA LEU B 12 -6.80 9.22 -8.18
C LEU B 12 -6.59 8.14 -7.13
N ASN B 13 -6.04 7.00 -7.53
CA ASN B 13 -5.71 5.97 -6.56
C ASN B 13 -4.47 6.36 -5.78
N ALA B 14 -4.13 5.58 -4.75
CA ALA B 14 -3.05 5.96 -3.84
C ALA B 14 -1.71 6.08 -4.54
N GLU B 15 -1.43 5.18 -5.49
CA GLU B 15 -0.18 5.26 -6.23
C GLU B 15 -0.09 6.57 -6.99
N ASP B 16 -1.16 6.92 -7.70
CA ASP B 16 -1.19 8.14 -8.50
C ASP B 16 -1.10 9.38 -7.60
N GLN B 17 -1.72 9.34 -6.42
CA GLN B 17 -1.66 10.46 -5.49
C GLN B 17 -0.23 10.66 -4.97
N LEU B 18 0.41 9.57 -4.57
CA LEU B 18 1.76 9.65 -4.04
C LEU B 18 2.76 10.07 -5.13
N ALA B 19 2.62 9.48 -6.31
CA ALA B 19 3.48 9.87 -7.43
C ALA B 19 3.26 11.35 -7.79
N LEU B 20 2.00 11.78 -7.84
CA LEU B 20 1.70 13.16 -8.16
C LEU B 20 2.42 14.10 -7.19
N ILE B 21 2.33 13.85 -5.88
CA ILE B 21 2.91 14.84 -4.97
C ILE B 21 4.44 14.82 -5.06
N TRP B 22 5.07 13.68 -5.40
CA TRP B 22 6.51 13.71 -5.68
C TRP B 22 6.82 14.66 -6.84
N PHE B 23 6.09 14.54 -7.94
CA PHE B 23 6.41 15.39 -9.07
C PHE B 23 5.94 16.84 -8.82
N ALA B 24 4.94 17.01 -7.95
CA ALA B 24 4.56 18.36 -7.52
C ALA B 24 5.65 19.01 -6.66
N TYR B 25 6.32 18.22 -5.84
CA TYR B 25 7.47 18.72 -5.09
C TYR B 25 8.50 19.27 -6.06
N LEU B 26 8.80 18.51 -7.10
CA LEU B 26 9.82 18.93 -8.07
C LEU B 26 9.39 20.15 -8.89
N GLU B 27 8.12 20.20 -9.28
CA GLU B 27 7.67 21.25 -10.20
C GLU B 27 7.18 22.53 -9.53
N MET B 28 6.59 22.43 -8.34
CA MET B 28 5.99 23.58 -7.65
C MET B 28 6.43 23.76 -6.20
N GLY B 29 6.62 22.65 -5.48
CA GLY B 29 6.86 22.71 -4.05
C GLY B 29 8.08 23.54 -3.66
N LYS B 30 9.19 23.30 -4.36
CA LYS B 30 10.42 24.01 -4.06
C LYS B 30 10.28 25.49 -4.43
N THR B 31 9.67 25.77 -5.57
CA THR B 31 9.44 27.15 -5.99
C THR B 31 8.57 27.94 -5.01
N LEU B 32 7.46 27.34 -4.58
CA LEU B 32 6.54 27.98 -3.65
C LEU B 32 7.18 28.20 -2.27
N THR B 33 7.98 27.25 -1.84
CA THR B 33 8.62 27.32 -0.52
C THR B 33 9.69 28.40 -0.46
N ILE B 34 10.53 28.44 -1.48
CA ILE B 34 11.61 29.42 -1.55
C ILE B 34 11.05 30.85 -1.68
N ALA B 35 9.92 30.99 -2.36
CA ALA B 35 9.32 32.30 -2.60
C ALA B 35 8.61 32.85 -1.37
N ALA B 36 8.27 31.98 -0.42
CA ALA B 36 7.49 32.41 0.72
C ALA B 36 8.34 33.17 1.73
N PRO B 37 7.74 34.13 2.45
CA PRO B 37 8.48 34.91 3.45
C PRO B 37 8.86 34.07 4.66
N GLY B 38 7.93 33.27 5.14
CA GLY B 38 8.14 32.41 6.28
C GLY B 38 7.95 30.95 5.92
N ALA B 39 8.45 30.07 6.79
CA ALA B 39 8.33 28.64 6.61
C ALA B 39 7.78 28.04 7.88
N ALA B 40 7.00 26.97 7.75
CA ALA B 40 6.44 26.29 8.91
C ALA B 40 7.54 25.68 9.76
N SER B 41 7.49 25.95 11.05
CA SER B 41 8.34 25.26 12.00
C SER B 41 7.98 23.77 12.03
N MET B 42 9.00 22.91 11.90
CA MET B 42 8.78 21.48 11.75
C MET B 42 9.11 20.70 13.02
N GLN B 43 9.21 21.42 14.14
CA GLN B 43 9.62 20.82 15.41
C GLN B 43 8.80 19.57 15.78
N LEU B 44 7.49 19.62 15.61
CA LEU B 44 6.63 18.50 15.97
C LEU B 44 6.91 17.25 15.15
N ALA B 45 7.49 17.43 13.96
CA ALA B 45 7.73 16.30 13.06
C ALA B 45 9.19 15.84 13.02
N GLU B 46 10.07 16.53 13.73
CA GLU B 46 11.49 16.19 13.66
C GLU B 46 11.79 14.76 14.11
N ASN B 47 11.13 14.28 15.14
CA ASN B 47 11.36 12.92 15.62
CA ASN B 47 11.36 12.92 15.62
C ASN B 47 10.97 11.90 14.56
N ALA B 48 9.81 12.09 13.93
CA ALA B 48 9.35 11.19 12.86
C ALA B 48 10.31 11.20 11.69
N LEU B 49 10.83 12.37 11.33
CA LEU B 49 11.75 12.49 10.20
C LEU B 49 13.09 11.83 10.53
N LYS B 50 13.52 11.97 11.77
CA LYS B 50 14.74 11.33 12.25
C LYS B 50 14.59 9.81 12.18
N GLU B 51 13.44 9.30 12.63
CA GLU B 51 13.19 7.88 12.62
C GLU B 51 13.21 7.35 11.19
N ILE B 52 12.58 8.08 10.27
CA ILE B 52 12.52 7.62 8.89
C ILE B 52 13.92 7.65 8.27
N GLN B 53 14.69 8.70 8.52
CA GLN B 53 16.05 8.77 8.01
C GLN B 53 16.88 7.56 8.45
N ALA B 54 16.64 7.06 9.66
CA ALA B 54 17.41 5.95 10.23
C ALA B 54 16.94 4.57 9.73
N MET B 55 15.76 4.51 9.12
CA MET B 55 15.23 3.26 8.59
C MET B 55 16.00 2.75 7.39
N GLY B 56 15.96 1.43 7.18
CA GLY B 56 16.43 0.85 5.94
C GLY B 56 15.55 1.31 4.80
N PRO B 57 16.05 1.24 3.56
CA PRO B 57 15.34 1.83 2.42
C PRO B 57 13.93 1.27 2.19
N LEU B 58 13.72 -0.04 2.29
CA LEU B 58 12.38 -0.57 2.09
C LEU B 58 11.40 -0.07 3.15
N GLN B 59 11.90 0.14 4.37
CA GLN B 59 11.05 0.61 5.46
C GLN B 59 10.73 2.10 5.29
N GLN B 60 11.68 2.86 4.74
CA GLN B 60 11.44 4.27 4.42
C GLN B 60 10.32 4.39 3.40
N THR B 61 10.42 3.57 2.35
CA THR B 61 9.43 3.58 1.30
C THR B 61 8.07 3.16 1.86
N GLN B 62 8.06 2.16 2.75
CA GLN B 62 6.79 1.70 3.29
C GLN B 62 6.11 2.77 4.16
N ALA B 63 6.90 3.58 4.85
CA ALA B 63 6.35 4.67 5.65
C ALA B 63 5.56 5.63 4.78
N MET B 64 6.15 6.00 3.65
CA MET B 64 5.47 6.92 2.73
C MET B 64 4.25 6.26 2.05
N CYS B 65 4.38 5.00 1.67
CA CYS B 65 3.23 4.27 1.13
C CYS B 65 2.09 4.16 2.13
N ASP B 66 2.41 3.86 3.39
CA ASP B 66 1.37 3.74 4.42
C ASP B 66 0.60 5.06 4.53
N LEU B 67 1.31 6.18 4.46
CA LEU B 67 0.65 7.47 4.55
C LEU B 67 -0.32 7.67 3.39
N ALA B 68 0.13 7.36 2.18
CA ALA B 68 -0.72 7.59 1.00
C ALA B 68 -1.89 6.61 0.97
N ASN B 69 -1.66 5.39 1.43
CA ASN B 69 -2.72 4.37 1.50
C ASN B 69 -3.66 4.56 2.69
N ARG B 70 -3.36 5.53 3.55
CA ARG B 70 -4.13 5.80 4.75
C ARG B 70 -4.22 4.58 5.67
N ALA B 71 -3.09 3.89 5.83
CA ALA B 71 -3.01 2.74 6.71
C ALA B 71 -3.07 3.16 8.18
N ASP B 72 -3.54 2.27 9.04
CA ASP B 72 -3.57 2.53 10.47
C ASP B 72 -2.25 2.10 11.10
N THR B 73 -1.34 3.05 11.28
CA THR B 73 -0.02 2.78 11.86
C THR B 73 0.32 3.92 12.79
N PRO B 74 1.30 3.72 13.68
CA PRO B 74 1.69 4.80 14.59
C PRO B 74 2.11 6.08 13.85
N LEU B 75 2.92 5.97 12.81
CA LEU B 75 3.30 7.16 12.04
C LEU B 75 2.08 7.82 11.41
N CYS B 76 1.17 7.01 10.87
CA CYS B 76 0.01 7.56 10.20
C CYS B 76 -0.89 8.30 11.17
N ARG B 77 -0.97 7.80 12.39
CA ARG B 77 -1.78 8.43 13.43
CA ARG B 77 -1.78 8.44 13.43
C ARG B 77 -1.12 9.73 13.92
N THR B 78 0.20 9.70 14.06
CA THR B 78 0.93 10.90 14.46
C THR B 78 0.80 11.98 13.39
N TYR B 79 1.02 11.59 12.14
CA TYR B 79 0.89 12.51 11.02
C TYR B 79 -0.48 13.20 10.99
N ALA B 80 -1.53 12.41 11.21
CA ALA B 80 -2.87 12.93 11.13
C ALA B 80 -3.10 14.06 12.14
N SER B 81 -2.37 14.02 13.25
CA SER B 81 -2.53 14.97 14.34
C SER B 81 -1.84 16.31 14.06
N TRP B 82 -1.01 16.36 13.02
CA TRP B 82 -0.27 17.56 12.68
C TRP B 82 -1.13 18.57 11.94
N SER B 83 -0.72 19.83 11.98
CA SER B 83 -1.41 20.87 11.23
C SER B 83 -1.25 20.67 9.74
N PRO B 84 -2.10 21.32 8.95
CA PRO B 84 -1.97 21.19 7.49
C PRO B 84 -0.60 21.61 6.97
N ASN B 85 -0.01 22.67 7.52
CA ASN B 85 1.26 23.13 7.02
C ASN B 85 2.43 22.26 7.47
N ILE B 86 2.31 21.66 8.65
CA ILE B 86 3.32 20.70 9.09
C ILE B 86 3.26 19.44 8.23
N LYS B 87 2.06 19.00 7.87
CA LYS B 87 1.94 17.87 6.95
C LYS B 87 2.64 18.17 5.61
N LEU B 88 2.38 19.35 5.05
CA LEU B 88 3.06 19.76 3.82
C LEU B 88 4.56 19.85 4.00
N GLY B 89 4.99 20.45 5.11
CA GLY B 89 6.39 20.61 5.40
C GLY B 89 7.11 19.30 5.61
N PHE B 90 6.38 18.33 6.15
CA PHE B 90 6.88 16.98 6.38
C PHE B 90 7.19 16.31 5.04
N TRP B 91 6.23 16.34 4.13
CA TRP B 91 6.47 15.81 2.79
C TRP B 91 7.59 16.56 2.08
N TYR B 92 7.67 17.87 2.28
CA TYR B 92 8.73 18.66 1.67
C TYR B 92 10.10 18.16 2.14
N ARG B 93 10.23 17.94 3.44
CA ARG B 93 11.51 17.48 3.99
CA ARG B 93 11.50 17.48 4.00
C ARG B 93 11.85 16.08 3.49
N LEU B 94 10.84 15.21 3.34
CA LEU B 94 11.11 13.89 2.78
C LEU B 94 11.59 14.02 1.33
N GLY B 95 10.98 14.94 0.57
CA GLY B 95 11.40 15.16 -0.80
C GLY B 95 12.86 15.58 -0.85
N GLU B 96 13.23 16.49 0.03
CA GLU B 96 14.62 16.94 0.10
CA GLU B 96 14.62 16.94 0.11
C GLU B 96 15.56 15.78 0.42
N LEU B 97 15.18 14.98 1.42
CA LEU B 97 16.00 13.83 1.81
C LEU B 97 16.14 12.82 0.67
N MET B 98 15.10 12.62 -0.12
CA MET B 98 15.18 11.74 -1.28
C MET B 98 16.13 12.31 -2.35
N GLU B 99 16.06 13.62 -2.59
CA GLU B 99 16.99 14.23 -3.54
C GLU B 99 18.43 14.15 -3.07
N GLN B 100 18.63 14.28 -1.77
CA GLN B 100 19.97 14.21 -1.18
C GLN B 100 20.53 12.79 -1.18
N GLY B 101 19.66 11.80 -1.03
CA GLY B 101 20.08 10.40 -0.96
C GLY B 101 19.94 9.76 0.41
N PHE B 102 19.38 10.49 1.37
CA PHE B 102 19.19 9.97 2.73
C PHE B 102 17.97 9.04 2.84
N VAL B 103 16.99 9.26 1.96
CA VAL B 103 15.75 8.48 1.93
C VAL B 103 15.62 7.86 0.54
N ALA B 104 15.14 6.62 0.49
CA ALA B 104 15.03 5.87 -0.76
C ALA B 104 14.22 6.63 -1.82
N PRO B 105 14.72 6.64 -3.07
CA PRO B 105 14.05 7.41 -4.13
C PRO B 105 12.84 6.67 -4.71
N ILE B 106 12.12 7.32 -5.63
CA ILE B 106 11.08 6.61 -6.35
C ILE B 106 11.77 5.59 -7.27
N PRO B 107 11.05 4.59 -7.76
CA PRO B 107 11.70 3.58 -8.60
C PRO B 107 12.39 4.18 -9.82
N ALA B 108 13.54 3.63 -10.19
CA ALA B 108 14.30 4.17 -11.32
C ALA B 108 13.48 4.10 -12.59
N GLY B 109 13.46 5.20 -13.33
CA GLY B 109 12.79 5.25 -14.61
C GLY B 109 11.30 5.52 -14.52
N TYR B 110 10.76 5.62 -13.32
CA TYR B 110 9.32 5.81 -13.13
C TYR B 110 8.80 7.06 -13.82
N GLN B 111 7.69 6.91 -14.54
CA GLN B 111 7.04 8.01 -15.23
C GLN B 111 5.63 8.17 -14.65
N LEU B 112 5.27 9.41 -14.35
CA LEU B 112 3.93 9.70 -13.87
C LEU B 112 2.90 9.28 -14.90
N SER B 113 1.84 8.62 -14.45
CA SER B 113 0.78 8.17 -15.35
C SER B 113 0.14 9.35 -16.04
N ALA B 114 -0.46 9.10 -17.20
CA ALA B 114 -1.16 10.17 -17.89
C ALA B 114 -2.28 10.74 -17.01
N ASN B 115 -3.03 9.88 -16.32
CA ASN B 115 -4.12 10.36 -15.48
C ASN B 115 -3.63 11.30 -14.39
N ALA B 116 -2.55 10.92 -13.72
CA ALA B 116 -2.00 11.73 -12.66
C ALA B 116 -1.35 13.01 -13.21
N ASN B 117 -0.64 12.90 -14.33
CA ASN B 117 0.03 14.06 -14.88
C ASN B 117 -0.98 15.10 -15.40
N ALA B 118 -2.18 14.64 -15.77
CA ALA B 118 -3.22 15.57 -16.18
C ALA B 118 -3.65 16.44 -15.01
N VAL B 119 -3.82 15.84 -13.85
CA VAL B 119 -4.17 16.60 -12.65
C VAL B 119 -3.00 17.51 -12.26
N LEU B 120 -1.77 17.01 -12.35
CA LEU B 120 -0.61 17.82 -11.99
C LEU B 120 -0.51 19.04 -12.90
N ALA B 121 -0.68 18.82 -14.20
CA ALA B 121 -0.62 19.91 -15.18
C ALA B 121 -1.71 20.94 -14.94
N THR B 122 -2.88 20.47 -14.51
CA THR B 122 -3.97 21.37 -14.16
C THR B 122 -3.57 22.24 -12.96
N ILE B 123 -2.97 21.63 -11.95
CA ILE B 123 -2.50 22.40 -10.79
C ILE B 123 -1.47 23.44 -11.22
N GLN B 124 -0.58 23.05 -12.13
CA GLN B 124 0.46 23.97 -12.58
C GLN B 124 -0.11 25.20 -13.29
N GLY B 125 -1.34 25.09 -13.77
CA GLY B 125 -1.98 26.20 -14.45
C GLY B 125 -2.68 27.17 -13.51
N LEU B 126 -2.79 26.79 -12.24
CA LEU B 126 -3.38 27.67 -11.22
C LEU B 126 -2.41 28.74 -10.73
N GLU B 127 -2.96 29.77 -10.09
CA GLU B 127 -2.14 30.80 -9.44
CA GLU B 127 -2.13 30.80 -9.45
C GLU B 127 -1.41 30.19 -8.25
N SER B 128 -0.28 30.80 -7.87
CA SER B 128 0.54 30.30 -6.76
C SER B 128 -0.26 29.99 -5.50
N GLY B 129 -1.08 30.93 -5.07
CA GLY B 129 -1.90 30.74 -3.87
C GLY B 129 -2.82 29.55 -3.99
N GLN B 130 -3.36 29.34 -5.19
CA GLN B 130 -4.26 28.23 -5.44
C GLN B 130 -3.51 26.91 -5.46
N GLN B 131 -2.30 26.91 -5.99
CA GLN B 131 -1.45 25.71 -5.96
C GLN B 131 -1.23 25.25 -4.53
N ILE B 132 -0.93 26.21 -3.66
CA ILE B 132 -0.71 25.91 -2.25
C ILE B 132 -1.97 25.32 -1.62
N THR B 133 -3.13 25.91 -1.91
CA THR B 133 -4.39 25.39 -1.39
C THR B 133 -4.62 23.95 -1.84
N VAL B 134 -4.42 23.68 -3.13
CA VAL B 134 -4.66 22.34 -3.64
C VAL B 134 -3.68 21.33 -3.02
N LEU B 135 -2.40 21.69 -2.95
CA LEU B 135 -1.40 20.76 -2.41
C LEU B 135 -1.61 20.52 -0.93
N ARG B 136 -1.99 21.56 -0.18
CA ARG B 136 -2.36 21.40 1.22
C ARG B 136 -3.50 20.39 1.35
N ASN B 137 -4.53 20.54 0.53
CA ASN B 137 -5.65 19.62 0.59
C ASN B 137 -5.27 18.21 0.10
N ALA B 138 -4.31 18.13 -0.81
CA ALA B 138 -3.85 16.82 -1.31
C ALA B 138 -3.30 15.96 -0.20
N VAL B 139 -2.61 16.55 0.77
CA VAL B 139 -1.96 15.74 1.80
C VAL B 139 -2.67 15.75 3.14
N VAL B 140 -3.68 16.59 3.31
CA VAL B 140 -4.26 16.79 4.63
C VAL B 140 -4.97 15.54 5.15
N ASP B 141 -5.49 14.71 4.27
CA ASP B 141 -6.22 13.51 4.71
C ASP B 141 -5.41 12.22 4.52
N MET B 142 -4.12 12.35 4.29
CA MET B 142 -3.25 11.17 4.30
C MET B 142 -3.03 10.75 5.76
N GLY B 143 -2.41 9.59 5.95
CA GLY B 143 -2.32 9.03 7.29
C GLY B 143 -3.66 8.50 7.75
N PHE B 144 -3.87 8.49 9.06
CA PHE B 144 -5.02 7.79 9.64
C PHE B 144 -5.61 8.49 10.84
N THR B 145 -6.92 8.68 10.81
CA THR B 145 -7.68 9.12 11.98
C THR B 145 -8.73 8.07 12.36
#